data_6F2W
#
_entry.id   6F2W
#
_cell.length_a   85.640
_cell.length_b   85.640
_cell.length_c   321.630
_cell.angle_alpha   90.00
_cell.angle_beta   90.00
_cell.angle_gamma   90.00
#
_symmetry.space_group_name_H-M   'P 41 21 2'
#
loop_
_entity.id
_entity.type
_entity.pdbx_description
1 polymer 'Putative amino acid/polyamine transport protein'
2 polymer 'Nanobody 74'
3 non-polymer 'ALPHA-AMINOISOBUTYRIC ACID'
4 non-polymer 'ZINC ION'
#
loop_
_entity_poly.entity_id
_entity_poly.type
_entity_poly.pdbx_seq_one_letter_code
_entity_poly.pdbx_strand_id
1 'polypeptide(L)'
;MKEVSGITALTVVVGTVIGAGIFFKPTAVYGAAGAPGLGLLAWFVAGIITIAGGLTVAEIGTIYPQTGGMMIYLEKVYGR
WLGFLVGWAQMVIYYPANIAALAIIFATQFVNLFALSDSTIVPTAILTSIFLMGVNFLGTKYSGWIQTLATILKLIPLVV
IIVAGLLYPGGGVIRLVPFSVETHPVLTSFGSALIATLFAYDGWINVGTLAGEMKNPGKMLPKVIIGGLSIVMAVYLLTN
IAYLFVLDSSQLAGTDTPAALVASHLFEGIGSKLVTIGILISVFGGINGYIISGLRVPYALATQKMLPFSDWFARINPKT
NLPINGGLVMLGIAIVMILTGQFNQLTDLIVFVIWFFITLTFIAVIILRKTQPDIERPYRVPFYPVIPLIAIIGGLYIIF
NTLIVQPKNAFIGILLTLIGIPIYFYCKKKYGSPEGGGLEVLFQ
;
A
2 'polypeptide(L)'
;QVQLVESGGGVVQAGGSLRLSCAASGRTFSSRAMGWFRQAPGEGREFVATISWSGSYTEYADSVKGRVTISRDNAKNTVY
LQMNSLKPGDTAVYHCAAKNGGAASNYPNDYVYWGQGTQVTVSSHHHHHHEPEA
;
B
#
loop_
_chem_comp.id
_chem_comp.type
_chem_comp.name
_chem_comp.formula
ZN non-polymer 'ZINC ION' 'Zn 2'
#
# COMPACT_ATOMS: atom_id res chain seq x y z
N MET A 1 5.14 1.86 27.75
CA MET A 1 3.86 1.13 27.53
C MET A 1 2.65 1.99 27.91
N LYS A 2 1.51 1.77 27.22
CA LYS A 2 0.21 2.43 27.49
C LYS A 2 0.25 3.95 27.22
N GLU A 3 0.23 4.35 25.93
CA GLU A 3 0.17 5.78 25.48
C GLU A 3 -1.26 6.25 25.07
N VAL A 4 -2.18 5.30 24.87
CA VAL A 4 -3.60 5.51 24.43
C VAL A 4 -3.81 6.20 23.05
N SER A 5 -3.02 7.24 22.73
CA SER A 5 -2.97 7.92 21.42
C SER A 5 -2.62 6.96 20.29
N GLY A 6 -1.79 5.96 20.59
CA GLY A 6 -1.27 5.04 19.59
C GLY A 6 -1.79 3.61 19.59
N ILE A 7 -2.61 3.24 20.56
CA ILE A 7 -3.17 1.90 20.56
C ILE A 7 -4.16 1.83 19.40
N THR A 8 -4.66 2.98 19.05
CA THR A 8 -5.39 3.20 17.82
C THR A 8 -4.53 2.96 16.52
N ALA A 9 -3.34 3.52 16.48
CA ALA A 9 -2.42 3.28 15.38
C ALA A 9 -2.00 1.83 15.33
N LEU A 10 -1.79 1.22 16.48
CA LEU A 10 -1.39 -0.17 16.55
C LEU A 10 -2.38 -1.12 15.86
N THR A 11 -3.64 -0.75 15.92
CA THR A 11 -4.76 -1.39 15.23
C THR A 11 -4.50 -1.49 13.78
N VAL A 12 -3.96 -0.40 13.28
CA VAL A 12 -3.75 -0.23 11.90
C VAL A 12 -2.60 -1.13 11.55
N VAL A 13 -1.52 -0.99 12.30
CA VAL A 13 -0.30 -1.71 12.01
C VAL A 13 -0.60 -3.23 11.91
N VAL A 14 -1.37 -3.73 12.86
CA VAL A 14 -1.73 -5.15 12.86
C VAL A 14 -2.64 -5.42 11.69
N GLY A 15 -3.57 -4.53 11.44
CA GLY A 15 -4.56 -4.71 10.41
C GLY A 15 -4.05 -4.59 8.98
N THR A 16 -3.26 -3.54 8.71
CA THR A 16 -2.57 -3.38 7.44
C THR A 16 -1.86 -4.71 7.04
N VAL A 17 -1.17 -5.33 7.98
CA VAL A 17 -0.34 -6.52 7.69
C VAL A 17 -1.12 -7.86 7.64
N ILE A 18 -1.80 -8.16 8.74
CA ILE A 18 -2.54 -9.40 8.96
C ILE A 18 -3.64 -9.47 7.89
N GLY A 19 -3.99 -10.66 7.41
CA GLY A 19 -5.12 -10.73 6.48
C GLY A 19 -5.48 -12.09 5.95
N ALA A 20 -5.13 -12.34 4.66
CA ALA A 20 -5.23 -13.65 3.94
C ALA A 20 -3.89 -14.44 3.81
N GLY A 21 -2.82 -13.88 4.37
CA GLY A 21 -1.49 -14.45 4.24
C GLY A 21 -1.36 -15.85 4.82
N ILE A 22 -1.45 -15.93 6.17
CA ILE A 22 -1.40 -17.22 6.93
C ILE A 22 -2.42 -18.24 6.46
N PHE A 23 -3.53 -17.76 5.91
CA PHE A 23 -4.58 -18.66 5.50
C PHE A 23 -4.29 -19.50 4.25
N PHE A 24 -3.32 -19.03 3.43
CA PHE A 24 -2.89 -19.74 2.18
C PHE A 24 -1.38 -20.00 1.90
N LYS A 25 -0.50 -19.27 2.57
CA LYS A 25 0.91 -19.42 2.29
C LYS A 25 1.61 -20.69 2.78
N PRO A 26 1.31 -21.24 4.03
CA PRO A 26 1.96 -22.51 4.47
C PRO A 26 2.33 -23.50 3.34
N THR A 27 1.41 -23.75 2.38
CA THR A 27 1.59 -24.62 1.16
C THR A 27 2.92 -24.42 0.40
N ALA A 28 3.32 -23.16 0.32
CA ALA A 28 4.59 -22.77 -0.26
C ALA A 28 5.77 -22.95 0.71
N VAL A 29 5.55 -22.58 1.97
CA VAL A 29 6.60 -22.45 2.99
C VAL A 29 7.10 -23.84 3.33
N TYR A 30 6.17 -24.78 3.47
CA TYR A 30 6.50 -26.17 3.82
C TYR A 30 6.88 -26.99 2.58
N GLY A 31 6.34 -26.63 1.42
CA GLY A 31 6.80 -27.19 0.14
C GLY A 31 8.18 -26.75 -0.34
N ALA A 32 8.84 -25.90 0.44
CA ALA A 32 10.18 -25.38 0.15
C ALA A 32 11.13 -25.68 1.30
N ALA A 33 10.69 -25.44 2.54
CA ALA A 33 11.47 -25.85 3.71
C ALA A 33 11.60 -27.38 3.81
N GLY A 34 10.56 -28.11 3.40
CA GLY A 34 10.58 -29.59 3.37
C GLY A 34 10.70 -30.25 4.72
N ALA A 35 10.33 -29.47 5.74
CA ALA A 35 10.48 -29.75 7.19
C ALA A 35 9.72 -28.66 8.02
N PRO A 36 9.05 -29.05 9.11
CA PRO A 36 8.37 -28.03 9.93
C PRO A 36 9.30 -26.99 10.56
N GLY A 37 10.42 -27.43 11.14
CA GLY A 37 11.34 -26.51 11.85
C GLY A 37 11.90 -25.29 11.07
N LEU A 38 12.35 -25.53 9.83
CA LEU A 38 12.95 -24.49 8.97
C LEU A 38 11.90 -23.52 8.49
N GLY A 39 10.74 -24.04 8.10
CA GLY A 39 9.60 -23.18 7.77
C GLY A 39 9.15 -22.24 8.90
N LEU A 40 9.17 -22.73 10.15
CA LEU A 40 8.77 -21.92 11.32
C LEU A 40 9.75 -20.76 11.60
N LEU A 41 11.05 -20.99 11.42
CA LEU A 41 12.01 -19.88 11.57
C LEU A 41 11.78 -18.76 10.52
N ALA A 42 11.41 -19.15 9.29
CA ALA A 42 11.19 -18.20 8.18
C ALA A 42 10.13 -17.13 8.48
N TRP A 43 9.11 -17.52 9.24
CA TRP A 43 8.11 -16.58 9.69
C TRP A 43 8.69 -15.63 10.77
N PHE A 44 9.61 -16.14 11.61
CA PHE A 44 10.27 -15.32 12.64
C PHE A 44 11.25 -14.30 12.04
N VAL A 45 12.07 -14.76 11.10
CA VAL A 45 13.13 -13.92 10.54
C VAL A 45 12.59 -12.87 9.58
N ALA A 46 11.67 -13.27 8.71
CA ALA A 46 10.89 -12.34 7.88
C ALA A 46 10.24 -11.23 8.72
N GLY A 47 9.62 -11.62 9.83
CA GLY A 47 9.05 -10.68 10.81
C GLY A 47 10.08 -9.77 11.47
N ILE A 48 11.24 -10.31 11.81
CA ILE A 48 12.32 -9.56 12.45
C ILE A 48 12.99 -8.58 11.47
N ILE A 49 12.90 -8.97 10.20
CA ILE A 49 13.32 -8.20 9.03
C ILE A 49 12.43 -6.97 8.83
N THR A 50 11.13 -7.15 8.97
CA THR A 50 10.19 -6.09 8.68
C THR A 50 10.03 -5.19 9.89
N ILE A 51 10.35 -5.66 11.10
CA ILE A 51 10.35 -4.76 12.27
C ILE A 51 11.54 -3.85 12.04
N ALA A 52 12.62 -4.45 11.49
CA ALA A 52 13.79 -3.70 11.09
C ALA A 52 13.40 -2.70 9.96
N GLY A 53 12.91 -3.23 8.83
CA GLY A 53 12.48 -2.43 7.67
C GLY A 53 11.56 -1.29 8.01
N GLY A 54 10.57 -1.59 8.83
CA GLY A 54 9.57 -0.65 9.24
C GLY A 54 10.13 0.54 9.98
N LEU A 55 11.15 0.35 10.81
CA LEU A 55 11.69 1.49 11.58
C LEU A 55 12.60 2.36 10.74
N THR A 56 13.30 1.74 9.79
CA THR A 56 14.16 2.49 8.87
C THR A 56 13.32 3.32 7.89
N VAL A 57 12.26 2.75 7.34
CA VAL A 57 11.43 3.49 6.41
C VAL A 57 10.60 4.63 7.07
N ALA A 58 10.56 4.71 8.40
CA ALA A 58 9.80 5.77 9.04
C ALA A 58 10.57 7.09 9.11
N GLU A 59 11.89 7.02 9.14
CA GLU A 59 12.68 8.24 9.08
C GLU A 59 12.42 9.01 7.77
N ILE A 60 12.51 8.32 6.63
CA ILE A 60 12.27 8.96 5.35
C ILE A 60 10.83 9.34 5.22
N GLY A 61 9.96 8.54 5.85
CA GLY A 61 8.56 8.87 5.95
C GLY A 61 8.17 10.12 6.75
N THR A 62 9.02 10.51 7.71
CA THR A 62 8.85 11.73 8.49
C THR A 62 9.54 12.92 7.87
N ILE A 63 10.59 12.67 7.11
CA ILE A 63 11.19 13.76 6.37
C ILE A 63 10.22 14.20 5.29
N TYR A 64 9.58 13.23 4.62
CA TYR A 64 8.53 13.49 3.61
C TYR A 64 7.12 13.09 4.07
N PRO A 65 6.50 13.97 4.91
CA PRO A 65 5.10 13.74 5.27
C PRO A 65 4.16 13.72 4.07
N GLN A 66 4.04 12.54 3.47
CA GLN A 66 3.05 12.41 2.47
C GLN A 66 2.58 11.00 2.31
N THR A 67 1.35 11.02 1.82
CA THR A 67 0.49 9.89 1.61
C THR A 67 0.86 9.15 0.38
N GLY A 68 1.75 9.73 -0.43
CA GLY A 68 2.18 9.17 -1.70
C GLY A 68 3.15 8.05 -1.49
N GLY A 69 4.12 8.23 -0.58
CA GLY A 69 5.10 7.21 -0.17
C GLY A 69 5.88 6.55 -1.31
N MET A 70 7.21 6.52 -1.20
CA MET A 70 8.13 5.73 -2.08
C MET A 70 8.20 6.37 -3.46
N MET A 71 7.04 6.57 -4.06
CA MET A 71 6.89 7.38 -5.26
C MET A 71 7.56 8.72 -5.06
N ILE A 72 7.53 9.20 -3.82
CA ILE A 72 8.19 10.43 -3.50
C ILE A 72 9.50 10.23 -2.73
N TYR A 73 9.64 9.20 -1.90
CA TYR A 73 10.93 9.02 -1.21
C TYR A 73 12.01 8.86 -2.28
N LEU A 74 11.71 8.01 -3.26
CA LEU A 74 12.62 7.66 -4.36
C LEU A 74 12.88 8.77 -5.39
N GLU A 75 11.95 9.68 -5.62
CA GLU A 75 12.23 10.84 -6.48
C GLU A 75 13.14 11.80 -5.75
N LYS A 76 12.89 11.92 -4.45
CA LYS A 76 13.56 12.88 -3.63
C LYS A 76 15.01 12.52 -3.37
N VAL A 77 15.39 11.26 -3.32
CA VAL A 77 16.84 10.96 -3.22
C VAL A 77 17.42 10.38 -4.50
N TYR A 78 16.64 9.60 -5.25
CA TYR A 78 17.12 9.02 -6.51
C TYR A 78 16.64 9.68 -7.83
N GLY A 79 15.97 10.84 -7.79
CA GLY A 79 15.54 11.52 -9.01
C GLY A 79 14.28 11.01 -9.69
N ARG A 80 13.64 11.89 -10.46
CA ARG A 80 12.30 11.68 -11.09
C ARG A 80 12.07 10.30 -11.73
N TRP A 81 13.11 9.73 -12.30
CA TRP A 81 12.99 8.37 -12.80
C TRP A 81 12.62 7.32 -11.72
N LEU A 82 13.27 7.33 -10.54
CA LEU A 82 13.02 6.28 -9.56
C LEU A 82 11.78 6.54 -8.77
N GLY A 83 11.38 7.81 -8.73
CA GLY A 83 10.07 8.15 -8.24
C GLY A 83 9.04 7.52 -9.16
N PHE A 84 9.40 7.47 -10.46
CA PHE A 84 8.58 6.88 -11.50
C PHE A 84 8.62 5.36 -11.51
N LEU A 85 9.79 4.77 -11.69
CA LEU A 85 9.87 3.31 -11.80
C LEU A 85 9.19 2.54 -10.70
N VAL A 86 9.19 3.17 -9.51
CA VAL A 86 8.49 2.68 -8.31
C VAL A 86 7.00 2.53 -8.63
N GLY A 87 6.41 3.63 -9.05
CA GLY A 87 5.00 3.69 -9.38
C GLY A 87 4.64 2.89 -10.62
N TRP A 88 5.56 2.80 -11.55
CA TRP A 88 5.35 2.09 -12.80
C TRP A 88 5.17 0.59 -12.54
N ALA A 89 6.01 0.10 -11.68
CA ALA A 89 5.91 -1.25 -11.28
C ALA A 89 4.71 -1.43 -10.32
N GLN A 90 4.45 -0.42 -9.50
CA GLN A 90 3.33 -0.51 -8.60
C GLN A 90 2.02 -0.65 -9.36
N MET A 91 1.98 0.01 -10.49
CA MET A 91 0.76 0.16 -11.25
C MET A 91 0.55 -1.01 -12.21
N VAL A 92 1.67 -1.55 -12.73
CA VAL A 92 1.71 -2.57 -13.81
C VAL A 92 1.96 -3.99 -13.30
N ILE A 93 2.69 -4.10 -12.18
CA ILE A 93 3.02 -5.38 -11.58
C ILE A 93 2.42 -5.58 -10.18
N TYR A 94 2.78 -4.74 -9.23
CA TYR A 94 2.42 -5.00 -7.86
C TYR A 94 0.92 -5.01 -7.58
N TYR A 95 0.23 -3.91 -7.82
CA TYR A 95 -1.22 -3.91 -7.59
C TYR A 95 -1.95 -5.00 -8.44
N PRO A 96 -1.64 -5.17 -9.78
CA PRO A 96 -2.41 -6.12 -10.63
C PRO A 96 -2.26 -7.58 -10.23
N ALA A 97 -1.03 -7.99 -9.88
CA ALA A 97 -0.76 -9.34 -9.37
C ALA A 97 -1.29 -9.61 -7.93
N ASN A 98 -1.45 -8.56 -7.10
CA ASN A 98 -1.99 -8.66 -5.73
C ASN A 98 -3.48 -8.82 -5.71
N ILE A 99 -4.17 -8.17 -6.66
CA ILE A 99 -5.59 -8.48 -7.03
C ILE A 99 -5.68 -9.90 -7.56
N ALA A 100 -4.81 -10.20 -8.54
CA ALA A 100 -4.76 -11.46 -9.27
C ALA A 100 -4.56 -12.68 -8.37
N ALA A 101 -3.44 -12.69 -7.66
CA ALA A 101 -3.12 -13.74 -6.70
C ALA A 101 -4.23 -14.01 -5.72
N LEU A 102 -4.70 -12.96 -5.10
CA LEU A 102 -5.74 -13.08 -4.11
C LEU A 102 -7.07 -13.57 -4.71
N ALA A 103 -7.44 -13.07 -5.88
CA ALA A 103 -8.68 -13.51 -6.56
C ALA A 103 -8.67 -14.99 -6.94
N ILE A 104 -7.48 -15.45 -7.35
CA ILE A 104 -7.22 -16.86 -7.69
C ILE A 104 -7.40 -17.73 -6.47
N ILE A 105 -6.71 -17.36 -5.40
CA ILE A 105 -6.74 -18.07 -4.13
C ILE A 105 -8.17 -18.12 -3.53
N PHE A 106 -8.91 -17.04 -3.72
CA PHE A 106 -10.32 -16.95 -3.32
C PHE A 106 -11.12 -18.08 -3.97
N ALA A 107 -11.14 -18.06 -5.30
CA ALA A 107 -11.83 -19.04 -6.11
C ALA A 107 -11.43 -20.45 -5.75
N THR A 108 -10.13 -20.60 -5.52
CA THR A 108 -9.52 -21.84 -5.06
C THR A 108 -10.23 -22.31 -3.79
N GLN A 109 -10.28 -21.43 -2.78
CA GLN A 109 -10.99 -21.71 -1.53
C GLN A 109 -12.50 -21.87 -1.70
N PHE A 110 -13.10 -21.09 -2.60
CA PHE A 110 -14.52 -21.22 -2.91
C PHE A 110 -14.87 -22.63 -3.41
N VAL A 111 -14.04 -23.14 -4.32
CA VAL A 111 -14.18 -24.52 -4.86
C VAL A 111 -13.86 -25.63 -3.81
N ASN A 112 -12.98 -25.31 -2.90
CA ASN A 112 -12.65 -26.19 -1.81
C ASN A 112 -13.85 -26.36 -0.85
N LEU A 113 -14.51 -25.24 -0.50
CA LEU A 113 -15.63 -25.20 0.47
C LEU A 113 -16.88 -25.72 -0.18
N PHE A 114 -17.37 -25.03 -1.19
CA PHE A 114 -18.53 -25.45 -1.93
C PHE A 114 -17.86 -26.37 -2.92
N ALA A 115 -17.81 -27.65 -2.57
CA ALA A 115 -16.99 -28.60 -3.30
C ALA A 115 -17.43 -28.60 -4.75
N LEU A 116 -16.61 -27.97 -5.59
CA LEU A 116 -16.91 -27.77 -7.01
C LEU A 116 -15.72 -28.16 -7.87
N SER A 117 -15.87 -28.03 -9.19
CA SER A 117 -14.83 -28.40 -10.13
C SER A 117 -13.58 -27.52 -10.00
N ASP A 118 -12.42 -28.12 -10.19
CA ASP A 118 -11.16 -27.39 -10.15
C ASP A 118 -10.82 -26.79 -11.53
N SER A 119 -11.69 -27.00 -12.51
CA SER A 119 -11.71 -26.20 -13.75
C SER A 119 -12.17 -24.79 -13.51
N THR A 120 -13.26 -24.66 -12.73
CA THR A 120 -13.97 -23.38 -12.47
C THR A 120 -13.38 -22.63 -11.25
N ILE A 121 -12.12 -22.22 -11.42
CA ILE A 121 -11.33 -21.44 -10.47
C ILE A 121 -11.02 -20.10 -11.11
N VAL A 122 -10.49 -20.14 -12.33
CA VAL A 122 -10.18 -18.94 -13.11
C VAL A 122 -11.43 -18.09 -13.45
N PRO A 123 -12.53 -18.71 -13.89
CA PRO A 123 -13.75 -17.92 -14.12
C PRO A 123 -14.25 -17.19 -12.87
N THR A 124 -14.06 -17.82 -11.72
CA THR A 124 -14.43 -17.27 -10.42
C THR A 124 -13.46 -16.17 -9.94
N ALA A 125 -12.16 -16.39 -10.19
CA ALA A 125 -11.09 -15.38 -9.99
C ALA A 125 -11.25 -14.14 -10.88
N ILE A 126 -11.71 -14.37 -12.11
CA ILE A 126 -12.05 -13.31 -13.05
C ILE A 126 -13.22 -12.54 -12.47
N LEU A 127 -14.28 -13.26 -12.15
CA LEU A 127 -15.52 -12.63 -11.77
C LEU A 127 -15.46 -11.93 -10.40
N THR A 128 -14.64 -12.41 -9.47
CA THR A 128 -14.44 -11.67 -8.21
C THR A 128 -13.71 -10.33 -8.43
N SER A 129 -12.58 -10.40 -9.15
CA SER A 129 -11.82 -9.20 -9.56
C SER A 129 -12.67 -8.22 -10.37
N ILE A 130 -13.39 -8.71 -11.39
CA ILE A 130 -14.31 -7.87 -12.20
C ILE A 130 -15.39 -7.29 -11.30
N PHE A 131 -15.98 -8.10 -10.41
CA PHE A 131 -17.03 -7.64 -9.52
C PHE A 131 -16.50 -6.54 -8.62
N LEU A 132 -15.44 -6.83 -7.85
CA LEU A 132 -14.88 -5.86 -6.91
C LEU A 132 -14.32 -4.56 -7.54
N MET A 133 -13.83 -4.63 -8.79
CA MET A 133 -13.42 -3.39 -9.49
C MET A 133 -14.67 -2.58 -9.72
N GLY A 134 -15.68 -3.17 -10.37
CA GLY A 134 -17.02 -2.57 -10.54
C GLY A 134 -17.64 -2.00 -9.26
N VAL A 135 -17.64 -2.80 -8.20
CA VAL A 135 -18.20 -2.39 -6.91
C VAL A 135 -17.46 -1.24 -6.29
N ASN A 136 -16.16 -1.16 -6.52
CA ASN A 136 -15.40 0.00 -6.07
C ASN A 136 -15.76 1.34 -6.83
N PHE A 137 -16.23 1.23 -8.07
CA PHE A 137 -16.62 2.41 -8.85
C PHE A 137 -17.99 2.83 -8.48
N LEU A 138 -18.71 2.02 -7.71
CA LEU A 138 -19.95 2.45 -7.06
C LEU A 138 -19.67 3.45 -5.96
N GLY A 139 -18.53 3.29 -5.26
CA GLY A 139 -18.08 4.25 -4.27
C GLY A 139 -17.60 3.65 -2.98
N THR A 140 -17.07 4.50 -2.12
CA THR A 140 -16.50 4.08 -0.83
C THR A 140 -17.56 3.87 0.28
N LYS A 141 -18.83 4.03 -0.05
CA LYS A 141 -19.90 3.40 0.72
C LYS A 141 -19.67 1.86 0.86
N TYR A 142 -19.69 1.17 -0.28
CA TYR A 142 -19.57 -0.31 -0.41
C TYR A 142 -18.15 -0.85 -0.24
N SER A 143 -17.20 -0.31 -1.00
CA SER A 143 -15.77 -0.61 -0.82
C SER A 143 -15.38 -0.67 0.67
N GLY A 144 -15.72 0.39 1.40
CA GLY A 144 -15.42 0.49 2.84
C GLY A 144 -16.32 -0.35 3.73
N TRP A 145 -17.55 -0.60 3.27
CA TRP A 145 -18.49 -1.51 3.96
C TRP A 145 -18.00 -2.99 4.06
N ILE A 146 -17.30 -3.42 3.01
CA ILE A 146 -16.64 -4.72 2.92
C ILE A 146 -15.47 -4.69 3.87
N GLN A 147 -14.69 -3.61 3.85
CA GLN A 147 -13.53 -3.44 4.73
C GLN A 147 -13.74 -3.50 6.25
N THR A 148 -14.85 -2.95 6.73
CA THR A 148 -15.10 -2.92 8.17
C THR A 148 -15.36 -4.32 8.72
N LEU A 149 -16.29 -5.06 8.10
CA LEU A 149 -16.48 -6.50 8.42
C LEU A 149 -15.26 -7.38 8.18
N ALA A 150 -14.61 -7.17 7.02
CA ALA A 150 -13.36 -7.86 6.65
C ALA A 150 -12.27 -7.74 7.72
N THR A 151 -12.26 -6.65 8.52
CA THR A 151 -11.34 -6.49 9.69
C THR A 151 -11.86 -7.08 10.99
N ILE A 152 -13.17 -7.07 11.20
CA ILE A 152 -13.77 -7.73 12.39
C ILE A 152 -13.58 -9.29 12.32
N LEU A 153 -14.05 -9.84 11.19
CA LEU A 153 -14.12 -11.29 10.89
C LEU A 153 -12.88 -11.82 10.13
N LYS A 154 -11.72 -11.19 10.34
CA LYS A 154 -10.46 -11.81 9.97
C LYS A 154 -9.71 -12.25 11.23
N LEU A 155 -10.05 -11.68 12.41
CA LEU A 155 -9.38 -12.08 13.68
C LEU A 155 -10.01 -13.26 14.42
N ILE A 156 -11.30 -13.47 14.15
CA ILE A 156 -12.03 -14.56 14.75
C ILE A 156 -11.63 -15.94 14.20
N PRO A 157 -11.50 -16.14 12.85
CA PRO A 157 -11.02 -17.46 12.36
C PRO A 157 -9.62 -17.82 12.83
N LEU A 158 -8.87 -16.82 13.23
CA LEU A 158 -7.59 -17.06 13.86
C LEU A 158 -7.61 -17.44 15.32
N VAL A 159 -8.19 -16.59 16.15
CA VAL A 159 -8.26 -16.85 17.60
C VAL A 159 -8.92 -18.22 17.85
N VAL A 160 -9.80 -18.63 16.93
CA VAL A 160 -10.50 -19.91 17.00
C VAL A 160 -9.52 -21.01 16.53
N ILE A 161 -8.71 -20.76 15.51
CA ILE A 161 -7.68 -21.71 15.06
C ILE A 161 -6.53 -21.93 16.05
N ILE A 162 -6.10 -20.87 16.73
CA ILE A 162 -4.95 -20.96 17.62
C ILE A 162 -5.38 -21.73 18.87
N VAL A 163 -6.49 -21.29 19.49
CA VAL A 163 -7.05 -21.92 20.72
C VAL A 163 -7.01 -23.46 20.56
N ALA A 164 -7.71 -23.91 19.54
CA ALA A 164 -7.95 -25.30 19.27
C ALA A 164 -6.75 -26.01 18.67
N GLY A 165 -6.05 -25.36 17.73
CA GLY A 165 -4.89 -25.97 17.09
C GLY A 165 -3.76 -26.32 18.03
N LEU A 166 -3.41 -25.35 18.89
CA LEU A 166 -2.44 -25.58 19.98
C LEU A 166 -2.93 -26.63 20.98
N LEU A 167 -4.25 -26.74 21.13
CA LEU A 167 -4.90 -27.77 21.98
C LEU A 167 -5.18 -29.08 21.24
N TYR A 168 -4.61 -29.28 20.04
CA TYR A 168 -4.99 -30.45 19.26
C TYR A 168 -4.62 -31.73 19.98
N PRO A 169 -5.50 -32.74 19.92
CA PRO A 169 -5.24 -33.99 20.64
C PRO A 169 -3.90 -34.70 20.35
N GLY A 170 -3.48 -34.79 19.09
CA GLY A 170 -2.18 -35.42 18.81
C GLY A 170 -1.28 -34.26 18.65
N GLY A 171 -0.40 -34.01 19.63
CA GLY A 171 0.29 -32.73 19.62
C GLY A 171 1.20 -32.35 20.75
N GLY A 172 1.84 -31.17 20.58
CA GLY A 172 3.01 -30.70 21.36
C GLY A 172 4.32 -30.45 20.56
N VAL A 173 5.44 -30.37 21.27
CA VAL A 173 6.76 -29.92 20.68
C VAL A 173 7.32 -30.82 19.53
N ILE A 174 6.99 -32.13 19.59
CA ILE A 174 7.27 -33.15 18.53
C ILE A 174 6.58 -32.78 17.21
N ARG A 175 5.49 -32.03 17.23
CA ARG A 175 4.87 -31.69 15.97
C ARG A 175 5.61 -30.61 15.20
N LEU A 176 6.90 -30.42 15.48
CA LEU A 176 7.76 -29.53 14.66
C LEU A 176 9.22 -29.95 14.64
N VAL A 177 9.44 -31.26 14.82
CA VAL A 177 10.80 -31.76 15.10
C VAL A 177 11.77 -31.89 13.91
N PRO A 178 11.31 -32.36 12.72
CA PRO A 178 12.32 -32.32 11.65
C PRO A 178 12.68 -30.82 11.41
N PHE A 179 13.90 -30.41 11.78
CA PHE A 179 14.28 -29.02 11.65
C PHE A 179 14.73 -28.71 10.19
N SER A 180 15.82 -29.31 9.72
CA SER A 180 16.23 -29.13 8.33
C SER A 180 16.47 -30.47 7.66
N VAL A 181 15.79 -30.67 6.54
CA VAL A 181 15.76 -31.92 5.83
C VAL A 181 16.81 -31.86 4.67
N GLU A 182 17.29 -33.01 4.18
CA GLU A 182 18.25 -33.05 3.04
C GLU A 182 17.60 -32.97 1.66
N THR A 183 16.38 -33.49 1.51
CA THR A 183 15.58 -33.34 0.28
C THR A 183 15.26 -31.85 -0.10
N HIS A 184 15.26 -31.00 0.93
CA HIS A 184 15.10 -29.57 0.80
C HIS A 184 16.24 -28.96 1.58
N PRO A 185 17.37 -28.67 0.91
CA PRO A 185 18.53 -28.16 1.64
C PRO A 185 18.44 -26.65 1.97
N VAL A 186 18.96 -26.36 3.16
CA VAL A 186 18.71 -25.11 3.95
C VAL A 186 18.70 -23.76 3.15
N LEU A 187 19.73 -23.55 2.34
CA LEU A 187 19.93 -22.29 1.61
C LEU A 187 18.93 -22.04 0.44
N THR A 188 18.78 -23.00 -0.49
CA THR A 188 17.75 -22.96 -1.59
C THR A 188 16.35 -22.84 -1.02
N SER A 189 16.14 -23.57 0.09
CA SER A 189 14.89 -23.62 0.81
C SER A 189 14.53 -22.30 1.52
N PHE A 190 15.41 -21.79 2.39
CA PHE A 190 15.16 -20.56 3.20
C PHE A 190 14.87 -19.31 2.33
N GLY A 191 15.46 -19.30 1.14
CA GLY A 191 15.15 -18.30 0.11
C GLY A 191 13.76 -18.35 -0.51
N SER A 192 13.23 -19.54 -0.79
CA SER A 192 11.83 -19.72 -1.22
C SER A 192 10.86 -19.65 -0.02
N ALA A 193 11.36 -19.94 1.20
CA ALA A 193 10.59 -19.85 2.45
C ALA A 193 10.36 -18.40 2.86
N LEU A 194 11.44 -17.61 2.96
CA LEU A 194 11.33 -16.17 3.40
C LEU A 194 10.41 -15.33 2.50
N ILE A 195 10.60 -15.43 1.19
CA ILE A 195 9.72 -14.82 0.16
C ILE A 195 8.21 -15.25 0.13
N ALA A 196 7.90 -16.35 0.80
CA ALA A 196 6.55 -16.81 1.02
C ALA A 196 5.97 -16.29 2.36
N THR A 197 6.81 -16.17 3.40
CA THR A 197 6.41 -15.57 4.68
C THR A 197 6.34 -14.05 4.59
N LEU A 198 7.18 -13.47 3.74
CA LEU A 198 7.17 -12.03 3.51
C LEU A 198 5.93 -11.55 2.76
N PHE A 199 5.22 -12.41 2.05
CA PHE A 199 3.94 -12.02 1.48
C PHE A 199 2.89 -11.81 2.56
N ALA A 200 2.96 -12.59 3.63
CA ALA A 200 2.02 -12.46 4.74
C ALA A 200 2.31 -11.21 5.55
N TYR A 201 3.60 -10.92 5.71
CA TYR A 201 4.03 -9.69 6.36
C TYR A 201 3.85 -8.42 5.51
N ASP A 202 3.25 -8.53 4.31
CA ASP A 202 3.16 -7.41 3.32
C ASP A 202 2.21 -6.34 3.83
N GLY A 203 2.40 -5.14 3.28
CA GLY A 203 1.77 -3.92 3.70
C GLY A 203 2.49 -3.22 4.86
N TRP A 204 3.57 -3.80 5.37
CA TRP A 204 4.34 -3.18 6.49
C TRP A 204 4.96 -1.85 6.06
N ILE A 205 5.09 -1.68 4.73
CA ILE A 205 5.66 -0.50 4.04
C ILE A 205 4.88 0.76 4.33
N ASN A 206 3.55 0.64 4.47
CA ASN A 206 2.61 1.73 4.82
C ASN A 206 2.92 2.44 6.13
N VAL A 207 4.07 2.18 6.72
CA VAL A 207 4.39 2.78 7.95
C VAL A 207 4.98 4.17 7.62
N GLY A 208 5.47 4.35 6.40
CA GLY A 208 5.99 5.66 5.99
C GLY A 208 4.94 6.74 5.88
N THR A 209 3.81 6.35 5.34
CA THR A 209 2.69 7.28 5.24
C THR A 209 2.06 7.55 6.63
N LEU A 210 2.17 6.54 7.49
CA LEU A 210 1.73 6.57 8.88
C LEU A 210 2.54 7.53 9.68
N ALA A 211 3.83 7.44 9.52
CA ALA A 211 4.68 8.34 10.20
C ALA A 211 4.59 9.73 9.58
N GLY A 212 4.21 9.80 8.32
CA GLY A 212 4.00 11.07 7.67
C GLY A 212 2.88 11.89 8.29
N GLU A 213 1.81 11.13 8.51
CA GLU A 213 0.57 11.62 9.15
C GLU A 213 0.73 12.01 10.64
N MET A 214 1.70 11.41 11.30
CA MET A 214 1.95 11.69 12.67
C MET A 214 2.22 13.14 12.89
N LYS A 215 2.01 13.45 14.15
CA LYS A 215 1.81 14.78 14.69
C LYS A 215 3.12 15.26 15.37
N ASN A 216 3.45 14.54 16.43
CA ASN A 216 4.58 14.73 17.31
C ASN A 216 5.02 13.26 17.40
N PRO A 217 5.78 12.79 16.37
CA PRO A 217 5.86 11.34 16.13
C PRO A 217 6.56 10.49 17.21
N GLY A 218 7.88 10.59 17.37
CA GLY A 218 8.68 9.73 18.28
C GLY A 218 8.08 9.26 19.63
N LYS A 219 7.38 10.15 20.33
CA LYS A 219 6.68 9.89 21.63
C LYS A 219 6.32 8.39 21.89
N MET A 220 5.67 7.79 20.92
CA MET A 220 5.32 6.37 20.92
C MET A 220 5.46 5.72 19.54
N LEU A 221 5.95 6.44 18.54
CA LEU A 221 5.89 5.95 17.17
C LEU A 221 6.71 4.68 16.98
N PRO A 222 7.95 4.63 17.53
CA PRO A 222 8.70 3.38 17.32
C PRO A 222 8.07 2.16 18.04
N LYS A 223 7.50 2.38 19.24
CA LYS A 223 6.71 1.36 19.99
C LYS A 223 5.56 0.79 19.17
N VAL A 224 4.94 1.64 18.37
CA VAL A 224 3.85 1.23 17.50
C VAL A 224 4.29 0.31 16.36
N ILE A 225 5.54 0.41 15.91
CA ILE A 225 6.05 -0.49 14.83
C ILE A 225 6.63 -1.79 15.45
N ILE A 226 7.41 -1.59 16.49
CA ILE A 226 7.85 -2.66 17.35
C ILE A 226 6.67 -3.50 17.81
N GLY A 227 5.78 -2.93 18.60
CA GLY A 227 4.63 -3.66 19.16
C GLY A 227 3.75 -4.23 18.08
N GLY A 228 3.42 -3.39 17.12
CA GLY A 228 2.56 -3.76 16.02
C GLY A 228 3.00 -5.01 15.28
N LEU A 229 4.18 -4.94 14.68
CA LEU A 229 4.70 -6.02 13.84
C LEU A 229 5.13 -7.25 14.63
N SER A 230 5.32 -7.07 15.95
CA SER A 230 5.63 -8.17 16.88
C SER A 230 4.38 -8.83 17.44
N ILE A 231 3.25 -8.16 17.31
CA ILE A 231 1.97 -8.77 17.55
C ILE A 231 1.59 -9.55 16.33
N VAL A 232 1.89 -9.02 15.15
CA VAL A 232 1.76 -9.77 13.90
C VAL A 232 2.71 -10.96 13.83
N MET A 233 3.95 -10.73 14.24
CA MET A 233 4.95 -11.79 14.38
C MET A 233 4.38 -12.84 15.29
N ALA A 234 3.99 -12.41 16.50
CA ALA A 234 3.43 -13.29 17.54
C ALA A 234 2.31 -14.17 17.00
N VAL A 235 1.43 -13.57 16.22
CA VAL A 235 0.29 -14.27 15.67
C VAL A 235 0.69 -15.25 14.59
N TYR A 236 1.42 -14.75 13.59
CA TYR A 236 1.88 -15.58 12.48
C TYR A 236 2.71 -16.87 12.90
N LEU A 237 3.49 -16.80 14.00
CA LEU A 237 4.21 -17.97 14.58
C LEU A 237 3.23 -18.89 15.29
N LEU A 238 2.40 -18.34 16.19
CA LEU A 238 1.42 -19.09 16.98
C LEU A 238 0.38 -19.83 16.20
N THR A 239 -0.15 -19.25 15.11
CA THR A 239 -1.14 -19.99 14.30
C THR A 239 -0.45 -21.06 13.45
N ASN A 240 0.85 -20.89 13.14
CA ASN A 240 1.64 -21.94 12.45
C ASN A 240 1.93 -23.22 13.31
N ILE A 241 2.29 -23.02 14.57
CA ILE A 241 2.36 -24.10 15.56
C ILE A 241 1.05 -24.91 15.61
N ALA A 242 -0.07 -24.20 15.57
CA ALA A 242 -1.40 -24.79 15.45
C ALA A 242 -1.60 -25.56 14.17
N TYR A 243 -1.10 -25.04 13.05
CA TYR A 243 -1.19 -25.77 11.78
C TYR A 243 -0.33 -27.05 11.83
N LEU A 244 0.82 -26.98 12.50
CA LEU A 244 1.74 -28.10 12.53
C LEU A 244 1.37 -29.13 13.60
N PHE A 245 0.51 -28.70 14.52
CA PHE A 245 -0.05 -29.59 15.50
C PHE A 245 -1.12 -30.45 14.88
N VAL A 246 -1.77 -30.00 13.81
CA VAL A 246 -2.78 -30.80 13.17
C VAL A 246 -2.24 -31.58 11.98
N LEU A 247 -1.54 -30.90 11.06
CA LEU A 247 -0.90 -31.54 9.87
C LEU A 247 0.56 -31.39 10.08
N ASP A 248 1.34 -31.64 9.04
CA ASP A 248 2.75 -31.33 9.08
C ASP A 248 3.35 -31.02 7.71
N SER A 249 4.65 -30.78 7.68
CA SER A 249 5.36 -30.29 6.48
C SER A 249 4.88 -30.78 5.09
N SER A 250 4.93 -32.09 4.88
CA SER A 250 4.56 -32.72 3.59
C SER A 250 3.09 -32.44 3.31
N GLN A 251 2.27 -32.65 4.35
CA GLN A 251 0.82 -32.50 4.32
C GLN A 251 0.37 -31.05 4.06
N LEU A 252 0.98 -30.06 4.74
CA LEU A 252 0.64 -28.65 4.49
C LEU A 252 0.92 -28.32 3.02
N ALA A 253 2.17 -28.50 2.59
CA ALA A 253 2.53 -28.37 1.16
C ALA A 253 1.59 -29.09 0.14
N GLY A 254 0.86 -30.14 0.59
CA GLY A 254 -0.08 -30.97 -0.19
C GLY A 254 -1.29 -30.35 -0.86
N THR A 255 -2.18 -29.70 -0.10
CA THR A 255 -3.27 -28.88 -0.70
C THR A 255 -2.90 -27.41 -0.67
N ASP A 256 -3.27 -26.74 -1.74
CA ASP A 256 -3.01 -25.32 -1.89
C ASP A 256 -3.89 -24.47 -0.96
N THR A 257 -4.88 -25.09 -0.29
CA THR A 257 -5.67 -24.49 0.84
C THR A 257 -5.30 -25.15 2.19
N PRO A 258 -4.17 -24.72 2.82
CA PRO A 258 -3.72 -25.33 4.09
C PRO A 258 -4.62 -25.04 5.26
N ALA A 259 -4.82 -23.79 5.61
CA ALA A 259 -5.60 -23.47 6.77
C ALA A 259 -7.00 -24.06 6.69
N ALA A 260 -7.58 -24.07 5.49
CA ALA A 260 -8.92 -24.65 5.30
C ALA A 260 -9.05 -26.11 5.80
N LEU A 261 -7.98 -26.91 5.62
CA LEU A 261 -7.89 -28.36 6.05
C LEU A 261 -7.74 -28.55 7.55
N VAL A 262 -6.85 -27.72 8.11
CA VAL A 262 -6.62 -27.65 9.56
C VAL A 262 -7.90 -27.20 10.26
N ALA A 263 -8.73 -26.46 9.55
CA ALA A 263 -10.02 -26.05 10.07
C ALA A 263 -10.91 -27.24 10.23
N SER A 264 -11.01 -28.01 9.15
CA SER A 264 -11.87 -29.20 9.09
C SER A 264 -11.47 -30.37 10.02
N HIS A 265 -10.23 -30.34 10.52
CA HIS A 265 -9.79 -31.25 11.59
C HIS A 265 -10.16 -30.68 12.97
N LEU A 266 -9.82 -29.40 13.19
CA LEU A 266 -10.07 -28.68 14.45
C LEU A 266 -11.54 -28.67 14.87
N PHE A 267 -12.44 -28.50 13.89
CA PHE A 267 -13.89 -28.47 14.11
C PHE A 267 -14.58 -29.46 13.16
N GLU A 268 -15.64 -30.09 13.64
CA GLU A 268 -16.38 -30.99 12.80
C GLU A 268 -17.66 -30.27 12.33
N GLY A 269 -18.05 -30.58 11.09
CA GLY A 269 -19.29 -30.09 10.50
C GLY A 269 -19.24 -28.64 10.05
N ILE A 270 -20.32 -27.92 10.33
CA ILE A 270 -20.44 -26.51 9.92
C ILE A 270 -19.48 -25.58 10.72
N GLY A 271 -19.10 -26.01 11.93
CA GLY A 271 -18.09 -25.31 12.75
C GLY A 271 -16.85 -24.92 11.96
N SER A 272 -16.35 -25.88 11.17
CA SER A 272 -15.19 -25.69 10.31
C SER A 272 -15.53 -24.94 9.05
N LYS A 273 -16.77 -25.01 8.60
CA LYS A 273 -17.25 -24.21 7.45
C LYS A 273 -17.31 -22.71 7.79
N LEU A 274 -17.75 -22.40 8.99
CA LEU A 274 -17.76 -21.04 9.53
C LEU A 274 -16.39 -20.38 9.63
N VAL A 275 -15.38 -21.23 9.78
CA VAL A 275 -13.99 -20.82 9.73
C VAL A 275 -13.57 -20.46 8.26
N THR A 276 -13.91 -21.33 7.29
CA THR A 276 -13.58 -21.09 5.85
C THR A 276 -14.37 -19.90 5.23
N ILE A 277 -15.59 -19.66 5.72
CA ILE A 277 -16.31 -18.48 5.33
C ILE A 277 -15.47 -17.30 5.78
N GLY A 278 -15.01 -17.34 7.03
CA GLY A 278 -14.08 -16.35 7.58
C GLY A 278 -12.82 -16.12 6.77
N ILE A 279 -12.34 -17.18 6.13
CA ILE A 279 -11.19 -17.08 5.25
C ILE A 279 -11.56 -16.41 3.90
N LEU A 280 -12.63 -16.87 3.25
CA LEU A 280 -13.09 -16.28 1.98
C LEU A 280 -13.37 -14.77 2.13
N ILE A 281 -13.94 -14.39 3.26
CA ILE A 281 -14.08 -12.99 3.71
C ILE A 281 -12.74 -12.27 3.84
N SER A 282 -11.77 -12.93 4.48
CA SER A 282 -10.47 -12.34 4.71
C SER A 282 -9.79 -12.08 3.37
N VAL A 283 -9.87 -13.05 2.45
CA VAL A 283 -9.33 -12.93 1.07
C VAL A 283 -9.99 -11.75 0.27
N PHE A 284 -11.33 -11.74 0.23
CA PHE A 284 -12.20 -10.72 -0.43
C PHE A 284 -11.97 -9.29 0.09
N GLY A 285 -11.67 -9.17 1.38
CA GLY A 285 -11.40 -7.88 2.00
C GLY A 285 -10.07 -7.34 1.60
N GLY A 286 -9.10 -8.24 1.48
CA GLY A 286 -7.83 -7.90 0.86
C GLY A 286 -7.89 -7.45 -0.62
N ILE A 287 -8.51 -8.26 -1.50
CA ILE A 287 -8.71 -7.98 -2.93
C ILE A 287 -9.23 -6.54 -3.04
N ASN A 288 -10.39 -6.31 -2.41
CA ASN A 288 -11.12 -5.03 -2.35
C ASN A 288 -10.22 -3.91 -1.79
N GLY A 289 -9.65 -4.12 -0.60
CA GLY A 289 -8.71 -3.17 0.04
C GLY A 289 -7.43 -2.85 -0.71
N TYR A 290 -7.06 -3.74 -1.61
CA TYR A 290 -5.94 -3.52 -2.48
C TYR A 290 -6.39 -2.61 -3.59
N ILE A 291 -7.53 -2.92 -4.21
CA ILE A 291 -8.12 -2.07 -5.26
C ILE A 291 -8.21 -0.61 -4.74
N ILE A 292 -8.95 -0.44 -3.64
CA ILE A 292 -9.02 0.78 -2.82
C ILE A 292 -7.74 1.68 -2.81
N SER A 293 -6.62 1.09 -2.40
CA SER A 293 -5.30 1.78 -2.33
C SER A 293 -4.50 1.61 -3.60
N GLY A 294 -5.06 0.85 -4.54
CA GLY A 294 -4.49 0.68 -5.87
C GLY A 294 -4.76 1.79 -6.84
N LEU A 295 -5.95 2.37 -6.82
CA LEU A 295 -6.31 3.44 -7.76
C LEU A 295 -5.47 4.72 -7.62
N ARG A 296 -4.74 4.81 -6.51
CA ARG A 296 -3.90 5.94 -6.11
C ARG A 296 -2.69 6.13 -6.94
N VAL A 297 -2.09 5.03 -7.36
CA VAL A 297 -0.85 5.06 -8.10
C VAL A 297 -0.95 5.61 -9.51
N PRO A 298 -1.75 4.98 -10.42
CA PRO A 298 -1.82 5.49 -11.81
C PRO A 298 -2.15 6.98 -11.92
N TYR A 299 -3.05 7.39 -11.06
CA TYR A 299 -3.37 8.76 -10.77
C TYR A 299 -2.19 9.67 -10.35
N ALA A 300 -1.33 9.24 -9.44
CA ALA A 300 -0.15 10.05 -9.06
C ALA A 300 0.91 10.23 -10.18
N LEU A 301 0.86 9.32 -11.15
CA LEU A 301 1.68 9.38 -12.36
C LEU A 301 0.97 10.20 -13.44
N ALA A 302 -0.34 10.20 -13.34
CA ALA A 302 -1.18 11.09 -14.08
C ALA A 302 -1.10 12.54 -13.49
N THR A 303 -0.79 12.69 -12.18
CA THR A 303 -0.49 13.98 -11.49
C THR A 303 0.70 14.59 -12.17
N GLN A 304 1.73 13.78 -12.41
CA GLN A 304 2.83 14.24 -13.22
C GLN A 304 2.59 13.89 -14.71
N LYS A 305 3.54 14.31 -15.49
CA LYS A 305 3.68 13.88 -16.88
C LYS A 305 3.76 12.33 -17.17
N MET A 306 4.30 11.59 -16.23
CA MET A 306 4.65 10.17 -16.26
C MET A 306 3.82 9.11 -16.99
N LEU A 307 2.57 9.36 -17.38
CA LEU A 307 1.81 8.34 -18.13
C LEU A 307 1.14 8.78 -19.38
N PRO A 308 1.33 8.03 -20.47
CA PRO A 308 0.85 8.30 -21.80
C PRO A 308 -0.50 8.98 -22.00
N PHE A 309 -1.51 8.59 -21.23
CA PHE A 309 -2.83 9.24 -21.31
C PHE A 309 -3.14 9.98 -20.02
N SER A 310 -2.13 10.71 -19.53
CA SER A 310 -2.21 11.38 -18.24
C SER A 310 -3.61 11.99 -17.95
N ASP A 311 -4.23 12.66 -18.96
CA ASP A 311 -5.59 13.27 -18.82
C ASP A 311 -6.71 12.28 -18.53
N TRP A 312 -6.69 11.16 -19.25
CA TRP A 312 -7.64 10.07 -19.01
C TRP A 312 -7.41 9.37 -17.66
N PHE A 313 -6.14 9.23 -17.27
CA PHE A 313 -5.76 8.56 -16.02
C PHE A 313 -6.11 9.37 -14.80
N ALA A 314 -5.95 10.69 -14.95
CA ALA A 314 -6.19 11.65 -13.86
C ALA A 314 -7.65 12.02 -13.60
N ARG A 315 -8.51 11.69 -14.56
CA ARG A 315 -9.97 11.80 -14.47
C ARG A 315 -10.49 11.29 -13.16
N ILE A 316 -10.91 12.16 -12.28
CA ILE A 316 -11.69 11.70 -11.14
C ILE A 316 -13.17 11.92 -11.53
N ASN A 317 -13.99 10.87 -11.43
CA ASN A 317 -15.40 10.97 -11.81
C ASN A 317 -16.12 11.77 -10.75
N PRO A 318 -16.74 12.88 -11.16
CA PRO A 318 -17.30 13.81 -10.17
C PRO A 318 -18.31 13.20 -9.18
N LYS A 319 -18.78 11.99 -9.48
CA LYS A 319 -19.74 11.28 -8.64
C LYS A 319 -19.03 10.64 -7.46
N THR A 320 -18.02 9.83 -7.77
CA THR A 320 -17.37 9.00 -6.77
C THR A 320 -16.15 9.63 -6.13
N ASN A 321 -15.40 10.42 -6.88
CA ASN A 321 -14.16 11.03 -6.38
C ASN A 321 -12.95 10.08 -6.48
N LEU A 322 -13.05 9.15 -7.42
CA LEU A 322 -12.04 8.14 -7.67
C LEU A 322 -11.61 8.08 -9.13
N PRO A 323 -10.31 7.92 -9.39
CA PRO A 323 -9.83 7.64 -10.76
C PRO A 323 -10.00 6.18 -11.07
N ILE A 324 -11.14 5.93 -11.72
CA ILE A 324 -11.57 4.60 -12.07
C ILE A 324 -10.77 4.09 -13.28
N ASN A 325 -10.25 5.00 -14.08
CA ASN A 325 -9.54 4.63 -15.29
C ASN A 325 -8.20 3.96 -15.03
N GLY A 326 -7.50 4.42 -14.00
CA GLY A 326 -6.41 3.62 -13.41
C GLY A 326 -6.73 2.14 -13.05
N GLY A 327 -7.89 1.93 -12.46
CA GLY A 327 -8.32 0.59 -12.05
C GLY A 327 -8.81 -0.27 -13.19
N LEU A 328 -9.30 0.34 -14.25
CA LEU A 328 -9.68 -0.40 -15.45
C LEU A 328 -8.46 -0.91 -16.20
N VAL A 329 -7.36 -0.17 -16.12
CA VAL A 329 -6.06 -0.62 -16.63
C VAL A 329 -5.52 -1.73 -15.74
N MET A 330 -5.59 -1.53 -14.44
CA MET A 330 -5.14 -2.52 -13.46
C MET A 330 -5.97 -3.80 -13.42
N LEU A 331 -7.25 -3.72 -13.80
CA LEU A 331 -8.12 -4.90 -13.91
C LEU A 331 -7.72 -5.74 -15.10
N GLY A 332 -7.37 -5.08 -16.20
CA GLY A 332 -6.92 -5.77 -17.40
C GLY A 332 -5.63 -6.55 -17.18
N ILE A 333 -4.61 -5.85 -16.70
CA ILE A 333 -3.31 -6.45 -16.43
C ILE A 333 -3.35 -7.44 -15.25
N ALA A 334 -4.30 -7.28 -14.32
CA ALA A 334 -4.60 -8.31 -13.28
C ALA A 334 -5.19 -9.56 -13.92
N ILE A 335 -6.17 -9.37 -14.80
CA ILE A 335 -6.87 -10.46 -15.54
C ILE A 335 -5.92 -11.29 -16.44
N VAL A 336 -5.00 -10.62 -17.14
CA VAL A 336 -3.91 -11.31 -17.86
C VAL A 336 -3.10 -12.10 -16.82
N MET A 337 -2.72 -11.46 -15.72
CA MET A 337 -2.01 -12.16 -14.63
C MET A 337 -2.73 -13.34 -13.96
N ILE A 338 -4.07 -13.36 -13.96
CA ILE A 338 -4.81 -14.51 -13.39
C ILE A 338 -4.84 -15.67 -14.39
N LEU A 339 -4.88 -15.31 -15.67
CA LEU A 339 -4.89 -16.28 -16.73
C LEU A 339 -3.49 -16.79 -17.03
N THR A 340 -2.44 -16.03 -16.71
CA THR A 340 -1.07 -16.43 -17.06
C THR A 340 -0.24 -16.99 -15.90
N GLY A 341 -0.50 -16.50 -14.68
CA GLY A 341 0.27 -16.92 -13.52
C GLY A 341 -0.49 -17.91 -12.68
N GLN A 342 0.21 -18.41 -11.68
CA GLN A 342 -0.31 -19.33 -10.66
C GLN A 342 -0.04 -18.67 -9.33
N PHE A 343 -1.05 -18.65 -8.45
CA PHE A 343 -0.96 -17.97 -7.14
C PHE A 343 0.45 -17.81 -6.48
N ASN A 344 1.17 -18.89 -6.25
CA ASN A 344 2.47 -18.78 -5.56
C ASN A 344 3.51 -18.08 -6.44
N GLN A 345 3.50 -18.38 -7.74
CA GLN A 345 4.34 -17.74 -8.76
C GLN A 345 4.16 -16.22 -8.71
N LEU A 346 2.89 -15.80 -8.69
CA LEU A 346 2.51 -14.38 -8.55
C LEU A 346 2.95 -13.75 -7.18
N THR A 347 2.55 -14.33 -6.04
CA THR A 347 2.95 -13.86 -4.68
C THR A 347 4.44 -13.83 -4.41
N ASP A 348 5.17 -14.44 -5.32
CA ASP A 348 6.61 -14.41 -5.32
C ASP A 348 7.06 -13.15 -6.06
N LEU A 349 6.61 -12.95 -7.30
CA LEU A 349 6.89 -11.69 -8.07
C LEU A 349 6.86 -10.48 -7.12
N ILE A 350 5.71 -10.39 -6.46
CA ILE A 350 5.33 -9.31 -5.55
C ILE A 350 6.39 -9.05 -4.46
N VAL A 351 6.84 -10.07 -3.75
CA VAL A 351 7.89 -9.84 -2.75
C VAL A 351 9.24 -9.37 -3.41
N PHE A 352 9.68 -10.07 -4.47
CA PHE A 352 10.88 -9.72 -5.24
C PHE A 352 10.83 -8.27 -5.66
N VAL A 353 9.79 -7.95 -6.44
CA VAL A 353 9.57 -6.63 -7.09
C VAL A 353 9.61 -5.49 -6.07
N ILE A 354 8.74 -5.56 -5.08
CA ILE A 354 8.62 -4.48 -4.12
C ILE A 354 9.91 -4.28 -3.33
N TRP A 355 10.57 -5.38 -2.96
CA TRP A 355 11.78 -5.30 -2.16
C TRP A 355 12.96 -4.71 -2.94
N PHE A 356 12.89 -4.76 -4.29
CA PHE A 356 13.90 -4.18 -5.22
C PHE A 356 13.89 -2.67 -5.01
N PHE A 357 12.70 -2.11 -4.76
CA PHE A 357 12.56 -0.69 -4.45
C PHE A 357 12.57 -0.38 -2.99
N ILE A 358 12.09 -1.31 -2.18
CA ILE A 358 12.10 -1.14 -0.72
C ILE A 358 13.54 -1.02 -0.21
N THR A 359 14.41 -1.91 -0.68
CA THR A 359 15.80 -1.78 -0.33
C THR A 359 16.22 -0.34 -0.58
N LEU A 360 16.06 0.09 -1.83
CA LEU A 360 16.49 1.40 -2.28
C LEU A 360 16.10 2.41 -1.25
N THR A 361 14.83 2.40 -0.87
CA THR A 361 14.31 3.27 0.21
C THR A 361 15.13 3.28 1.53
N PHE A 362 15.52 2.11 2.05
CA PHE A 362 16.36 2.10 3.27
C PHE A 362 17.74 2.66 2.99
N ILE A 363 18.30 2.28 1.83
CA ILE A 363 19.61 2.75 1.35
C ILE A 363 19.54 4.27 1.29
N ALA A 364 18.42 4.75 0.76
CA ALA A 364 18.06 6.15 0.71
C ALA A 364 18.11 6.85 2.06
N VAL A 365 17.62 6.22 3.13
CA VAL A 365 17.65 6.81 4.51
C VAL A 365 19.07 7.13 4.98
N ILE A 366 20.01 6.26 4.58
CA ILE A 366 21.45 6.33 4.94
C ILE A 366 22.13 7.36 4.01
N ILE A 367 21.71 7.38 2.74
CA ILE A 367 22.05 8.44 1.75
C ILE A 367 21.63 9.83 2.27
N LEU A 368 20.35 9.93 2.60
CA LEU A 368 19.73 11.14 3.16
C LEU A 368 20.46 11.70 4.39
N ARG A 369 20.97 10.76 5.20
CA ARG A 369 21.72 11.04 6.40
C ARG A 369 23.04 11.73 6.09
N LYS A 370 23.51 11.56 4.85
CA LYS A 370 24.69 12.23 4.32
C LYS A 370 24.40 13.32 3.29
N THR A 371 23.25 13.31 2.61
CA THR A 371 22.91 14.40 1.65
C THR A 371 22.50 15.66 2.45
N GLN A 372 21.40 15.62 3.19
CA GLN A 372 21.05 16.75 4.08
C GLN A 372 20.94 16.20 5.49
N PRO A 373 22.06 16.16 6.20
CA PRO A 373 22.00 15.82 7.61
C PRO A 373 21.56 17.05 8.43
N ASP A 374 21.10 18.10 7.75
CA ASP A 374 20.50 19.25 8.38
C ASP A 374 18.97 19.42 8.08
N ILE A 375 18.41 18.49 7.31
CA ILE A 375 16.96 18.42 7.07
C ILE A 375 16.28 18.18 8.44
N GLU A 376 14.99 18.46 8.59
CA GLU A 376 14.36 18.18 9.88
C GLU A 376 13.89 16.72 9.98
N ARG A 377 14.37 16.04 11.02
CA ARG A 377 14.02 14.64 11.34
C ARG A 377 13.10 14.56 12.59
N PRO A 378 11.76 14.44 12.37
CA PRO A 378 10.83 14.32 13.53
C PRO A 378 10.99 12.98 14.29
N TYR A 379 11.22 11.92 13.51
CA TYR A 379 11.58 10.61 14.00
C TYR A 379 12.90 10.25 13.32
N ARG A 380 13.85 9.69 14.09
CA ARG A 380 15.18 9.24 13.59
C ARG A 380 15.34 7.75 13.99
N VAL A 381 15.74 6.88 13.03
CA VAL A 381 15.85 5.38 13.18
C VAL A 381 16.75 5.00 14.34
N PRO A 382 16.22 4.26 15.33
CA PRO A 382 17.06 4.02 16.52
C PRO A 382 18.10 2.88 16.34
N PHE A 383 19.24 2.98 17.04
CA PHE A 383 20.39 2.07 16.88
C PHE A 383 20.87 2.23 15.45
N TYR A 384 21.33 3.47 15.19
CA TYR A 384 21.24 4.10 13.82
C TYR A 384 21.71 3.21 12.63
N PRO A 385 23.00 2.83 12.56
CA PRO A 385 23.35 2.16 11.30
C PRO A 385 22.89 0.73 11.29
N VAL A 386 22.84 0.13 12.48
CA VAL A 386 22.53 -1.28 12.70
C VAL A 386 21.34 -1.71 11.88
N ILE A 387 20.19 -1.19 12.26
CA ILE A 387 18.93 -1.75 11.81
C ILE A 387 18.65 -1.51 10.30
N PRO A 388 18.97 -0.34 9.75
CA PRO A 388 18.77 -0.11 8.29
C PRO A 388 19.62 -0.96 7.42
N LEU A 389 20.79 -1.22 7.96
CA LEU A 389 21.69 -2.15 7.37
C LEU A 389 21.14 -3.56 7.57
N ILE A 390 20.54 -3.87 8.72
CA ILE A 390 19.88 -5.19 8.93
C ILE A 390 18.86 -5.42 7.83
N ALA A 391 18.02 -4.42 7.63
CA ALA A 391 16.95 -4.50 6.66
C ALA A 391 17.48 -4.64 5.25
N ILE A 392 18.61 -3.99 5.02
CA ILE A 392 19.30 -4.04 3.74
C ILE A 392 19.91 -5.44 3.57
N ILE A 393 20.65 -5.88 4.58
CA ILE A 393 21.27 -7.18 4.62
C ILE A 393 20.22 -8.22 4.25
N GLY A 394 19.05 -8.19 4.90
CA GLY A 394 18.00 -9.15 4.58
C GLY A 394 17.32 -8.84 3.28
N GLY A 395 17.19 -7.55 2.96
CA GLY A 395 16.61 -7.14 1.70
C GLY A 395 17.38 -7.65 0.50
N LEU A 396 18.65 -7.28 0.49
CA LEU A 396 19.58 -7.74 -0.52
C LEU A 396 19.44 -9.24 -0.66
N TYR A 397 19.46 -9.94 0.47
CA TYR A 397 19.38 -11.41 0.47
C TYR A 397 18.20 -11.98 -0.34
N ILE A 398 17.06 -11.29 -0.35
CA ILE A 398 15.85 -11.81 -1.07
C ILE A 398 16.05 -11.66 -2.57
N ILE A 399 16.24 -10.41 -2.99
CA ILE A 399 16.43 -10.10 -4.41
C ILE A 399 17.53 -10.93 -5.12
N PHE A 400 18.54 -11.39 -4.38
CA PHE A 400 19.59 -12.28 -4.91
C PHE A 400 19.13 -13.73 -4.89
N ASN A 401 18.46 -14.14 -3.83
CA ASN A 401 17.95 -15.51 -3.72
C ASN A 401 16.75 -15.81 -4.63
N THR A 402 15.96 -14.82 -4.99
CA THR A 402 14.85 -15.06 -5.93
C THR A 402 15.44 -15.13 -7.33
N LEU A 403 16.43 -14.28 -7.61
CA LEU A 403 17.10 -14.28 -8.90
C LEU A 403 17.54 -15.64 -9.21
N ILE A 404 18.32 -16.15 -8.28
CA ILE A 404 18.99 -17.40 -8.47
C ILE A 404 18.02 -18.60 -8.38
N VAL A 405 16.85 -18.47 -7.73
CA VAL A 405 15.86 -19.60 -7.64
C VAL A 405 14.90 -19.51 -8.82
N GLN A 406 14.14 -18.40 -8.87
CA GLN A 406 13.14 -18.15 -9.88
C GLN A 406 13.69 -17.16 -10.89
N PRO A 407 14.38 -17.65 -11.95
CA PRO A 407 14.92 -16.70 -12.93
C PRO A 407 13.84 -16.03 -13.82
N LYS A 408 12.84 -16.81 -14.25
CA LYS A 408 11.68 -16.32 -15.01
C LYS A 408 10.92 -15.19 -14.28
N ASN A 409 10.62 -15.39 -12.99
CA ASN A 409 9.92 -14.40 -12.13
C ASN A 409 10.74 -13.09 -11.99
N ALA A 410 12.04 -13.27 -11.76
CA ALA A 410 13.01 -12.18 -11.71
C ALA A 410 13.08 -11.42 -13.04
N PHE A 411 12.74 -12.09 -14.14
CA PHE A 411 12.69 -11.46 -15.45
C PHE A 411 11.36 -10.86 -15.85
N ILE A 412 10.24 -11.45 -15.42
CA ILE A 412 8.90 -10.90 -15.76
C ILE A 412 8.73 -9.50 -15.12
N GLY A 413 9.09 -9.38 -13.84
CA GLY A 413 9.08 -8.11 -13.13
C GLY A 413 10.06 -7.10 -13.67
N ILE A 414 11.24 -7.61 -14.04
CA ILE A 414 12.31 -6.81 -14.66
C ILE A 414 12.00 -6.36 -16.13
N LEU A 415 11.42 -7.27 -16.94
CA LEU A 415 10.85 -6.90 -18.27
C LEU A 415 9.82 -5.76 -18.15
N LEU A 416 8.86 -5.94 -17.24
CA LEU A 416 7.74 -5.01 -16.97
C LEU A 416 8.15 -3.72 -16.22
N THR A 417 9.20 -3.73 -15.38
CA THR A 417 9.75 -2.48 -14.76
C THR A 417 10.50 -1.62 -15.76
N LEU A 418 11.35 -2.28 -16.55
CA LEU A 418 12.17 -1.62 -17.59
C LEU A 418 11.43 -1.32 -18.92
N ILE A 419 10.24 -1.90 -19.13
CA ILE A 419 9.32 -1.51 -20.22
C ILE A 419 8.73 -0.09 -19.95
N GLY A 420 8.92 0.41 -18.72
CA GLY A 420 8.51 1.76 -18.32
C GLY A 420 9.58 2.83 -18.49
N ILE A 421 10.80 2.41 -18.80
CA ILE A 421 11.87 3.38 -19.09
C ILE A 421 11.52 4.13 -20.38
N PRO A 422 11.07 3.41 -21.44
CA PRO A 422 10.57 4.10 -22.64
C PRO A 422 9.33 4.95 -22.38
N ILE A 423 8.41 4.37 -21.62
CA ILE A 423 7.18 5.05 -21.23
C ILE A 423 7.46 6.44 -20.61
N TYR A 424 8.35 6.47 -19.60
CA TYR A 424 8.70 7.70 -18.84
C TYR A 424 9.18 8.82 -19.73
N PHE A 425 10.10 8.47 -20.65
CA PHE A 425 10.74 9.43 -21.55
C PHE A 425 9.88 9.81 -22.78
N TYR A 426 8.96 8.94 -23.21
CA TYR A 426 8.02 9.33 -24.29
C TYR A 426 7.15 10.53 -23.84
N CYS A 427 6.55 10.36 -22.66
CA CYS A 427 5.62 11.31 -22.03
C CYS A 427 6.32 12.21 -21.01
N LYS A 428 7.59 12.54 -21.24
CA LYS A 428 8.24 13.63 -20.51
C LYS A 428 8.42 14.88 -21.42
N LYS A 429 8.64 14.65 -22.74
CA LYS A 429 8.67 15.73 -23.73
C LYS A 429 7.24 15.99 -24.19
N LYS A 430 6.52 14.91 -24.49
CA LYS A 430 5.12 14.99 -24.91
C LYS A 430 4.14 15.30 -23.74
N TYR A 431 4.51 14.95 -22.50
CA TYR A 431 3.72 15.18 -21.24
C TYR A 431 2.40 14.35 -21.08
N GLY A 432 2.25 13.31 -21.91
CA GLY A 432 1.06 12.44 -21.90
C GLY A 432 0.04 12.78 -22.97
N SER A 433 -1.24 12.66 -22.60
CA SER A 433 -2.38 12.92 -23.50
C SER A 433 -3.66 13.20 -22.72
N GLN B 1 -17.19 19.38 11.13
CA GLN B 1 -16.83 20.50 12.04
C GLN B 1 -15.60 21.33 11.54
N VAL B 2 -15.20 21.22 10.27
CA VAL B 2 -14.15 22.12 9.73
C VAL B 2 -14.63 22.86 8.48
N GLN B 3 -15.04 24.12 8.71
CA GLN B 3 -15.55 25.04 7.69
C GLN B 3 -14.33 25.69 7.06
N LEU B 4 -14.30 25.69 5.74
CA LEU B 4 -13.28 26.37 4.94
C LEU B 4 -13.91 27.38 3.96
N VAL B 5 -13.29 28.58 3.89
CA VAL B 5 -13.71 29.65 2.97
C VAL B 5 -12.56 30.25 2.16
N GLU B 6 -12.70 30.15 0.85
CA GLU B 6 -11.70 30.56 -0.12
C GLU B 6 -11.82 32.09 -0.38
N SER B 7 -10.74 32.80 -0.70
CA SER B 7 -10.78 34.26 -1.04
C SER B 7 -9.80 34.59 -2.18
N GLY B 8 -10.05 35.71 -2.87
CA GLY B 8 -9.09 36.27 -3.83
C GLY B 8 -9.44 36.08 -5.29
N GLY B 9 -9.55 34.82 -5.72
CA GLY B 9 -9.72 34.49 -7.14
C GLY B 9 -10.88 35.13 -7.89
N GLY B 10 -10.61 35.89 -8.95
CA GLY B 10 -11.63 36.53 -9.82
C GLY B 10 -11.19 36.58 -11.29
N VAL B 11 -11.41 37.72 -11.99
CA VAL B 11 -10.88 37.93 -13.37
C VAL B 11 -9.48 38.52 -13.32
N VAL B 12 -8.59 37.84 -14.05
CA VAL B 12 -7.21 38.23 -14.18
C VAL B 12 -6.77 38.07 -15.62
N GLN B 13 -5.65 38.73 -15.87
CA GLN B 13 -5.06 38.82 -17.19
C GLN B 13 -4.05 37.72 -17.33
N ALA B 14 -3.75 37.36 -18.58
CA ALA B 14 -2.68 36.41 -18.88
C ALA B 14 -1.34 36.94 -18.39
N GLY B 15 -0.52 36.00 -17.92
CA GLY B 15 0.74 36.31 -17.31
C GLY B 15 0.64 36.89 -15.91
N GLY B 16 -0.52 37.42 -15.52
CA GLY B 16 -0.71 37.97 -14.18
C GLY B 16 -0.64 36.94 -13.06
N SER B 17 -0.85 37.47 -11.85
CA SER B 17 -0.59 36.74 -10.61
C SER B 17 -1.73 36.93 -9.66
N LEU B 18 -2.06 35.84 -8.96
CA LEU B 18 -3.19 35.80 -8.07
C LEU B 18 -2.92 34.98 -6.82
N ARG B 19 -3.07 35.64 -5.65
CA ARG B 19 -2.97 35.05 -4.31
C ARG B 19 -4.35 34.64 -3.80
N LEU B 20 -4.49 33.31 -3.60
CA LEU B 20 -5.70 32.69 -3.07
C LEU B 20 -5.47 32.40 -1.60
N SER B 21 -6.56 32.58 -0.84
CA SER B 21 -6.57 32.42 0.63
C SER B 21 -7.68 31.46 1.07
N CYS B 22 -7.40 30.63 2.09
CA CYS B 22 -8.43 29.76 2.62
C CYS B 22 -8.44 29.67 4.14
N ALA B 23 -9.53 30.21 4.71
CA ALA B 23 -9.73 30.43 6.16
C ALA B 23 -10.44 29.24 6.69
N ALA B 24 -9.90 28.63 7.74
CA ALA B 24 -10.44 27.38 8.31
C ALA B 24 -10.85 27.55 9.75
N SER B 25 -11.84 26.75 10.14
CA SER B 25 -12.43 26.70 11.48
C SER B 25 -11.59 26.92 12.72
N GLY B 26 -10.36 26.40 12.70
CA GLY B 26 -9.45 26.54 13.84
C GLY B 26 -9.41 25.33 14.78
N ARG B 27 -8.54 25.43 15.80
CA ARG B 27 -8.01 24.29 16.56
C ARG B 27 -7.29 23.33 15.61
N THR B 28 -8.11 22.51 15.00
CA THR B 28 -7.69 21.36 14.26
C THR B 28 -6.70 21.70 13.13
N PHE B 29 -6.73 22.94 12.66
CA PHE B 29 -5.95 23.29 11.47
C PHE B 29 -4.47 22.93 11.55
N SER B 30 -3.79 23.43 12.58
CA SER B 30 -2.33 23.24 12.69
C SER B 30 -1.92 21.80 12.61
N SER B 31 -2.83 20.88 12.93
CA SER B 31 -2.59 19.43 12.92
C SER B 31 -3.03 18.72 11.64
N ARG B 32 -3.49 19.49 10.67
CA ARG B 32 -4.10 18.95 9.49
C ARG B 32 -3.29 19.34 8.31
N ALA B 33 -3.20 18.43 7.37
CA ALA B 33 -2.62 18.71 6.06
C ALA B 33 -3.64 19.43 5.18
N MET B 34 -3.17 20.37 4.39
CA MET B 34 -4.07 21.10 3.54
C MET B 34 -3.75 20.87 2.11
N GLY B 35 -4.69 21.21 1.26
CA GLY B 35 -4.41 21.29 -0.15
C GLY B 35 -5.51 21.94 -0.97
N TRP B 36 -5.13 22.57 -2.11
CA TRP B 36 -6.06 23.13 -3.12
C TRP B 36 -6.29 22.22 -4.32
N PHE B 37 -7.51 22.25 -4.82
CA PHE B 37 -7.88 21.49 -6.04
C PHE B 37 -8.70 22.41 -6.92
N ARG B 38 -8.73 22.13 -8.23
CA ARG B 38 -9.46 23.01 -9.14
C ARG B 38 -10.44 22.24 -9.98
N GLN B 39 -11.62 22.79 -10.22
CA GLN B 39 -12.71 22.12 -10.90
C GLN B 39 -13.20 22.99 -12.04
N ALA B 40 -12.80 22.61 -13.26
CA ALA B 40 -13.25 23.27 -14.46
C ALA B 40 -14.71 22.90 -14.76
N PRO B 41 -15.46 23.83 -15.40
CA PRO B 41 -16.87 23.54 -15.69
C PRO B 41 -17.21 22.48 -16.77
N GLY B 42 -16.25 21.66 -17.21
CA GLY B 42 -16.53 20.36 -17.85
C GLY B 42 -16.02 19.10 -17.12
N GLU B 43 -14.95 19.28 -16.33
CA GLU B 43 -14.22 18.19 -15.66
C GLU B 43 -14.76 18.00 -14.26
N GLY B 44 -14.21 17.00 -13.58
CA GLY B 44 -14.31 16.87 -12.13
C GLY B 44 -13.25 17.69 -11.40
N ARG B 45 -12.81 17.18 -10.25
CA ARG B 45 -11.74 17.81 -9.49
C ARG B 45 -10.36 17.57 -10.17
N GLU B 46 -9.34 18.27 -9.68
CA GLU B 46 -7.94 18.14 -10.16
C GLU B 46 -6.95 18.71 -9.15
N PHE B 47 -5.89 17.92 -8.97
CA PHE B 47 -4.91 18.22 -7.96
C PHE B 47 -4.25 19.53 -8.33
N VAL B 48 -4.12 20.47 -7.39
CA VAL B 48 -3.23 21.61 -7.63
C VAL B 48 -2.06 21.62 -6.70
N ALA B 49 -2.34 21.76 -5.42
CA ALA B 49 -1.27 21.81 -4.45
C ALA B 49 -1.64 21.10 -3.14
N THR B 50 -0.64 20.95 -2.27
CA THR B 50 -0.84 20.36 -0.96
C THR B 50 0.37 20.62 -0.09
N ILE B 51 0.09 20.76 1.20
CA ILE B 51 1.07 21.16 2.16
C ILE B 51 0.89 20.41 3.46
N SER B 52 2.02 20.00 4.01
CA SER B 52 2.11 19.40 5.33
C SER B 52 1.54 20.34 6.41
N TRP B 53 1.14 19.75 7.55
CA TRP B 53 0.68 20.49 8.76
C TRP B 53 1.65 21.61 9.22
N SER B 54 2.91 21.24 9.39
CA SER B 54 4.02 22.10 9.72
C SER B 54 4.45 22.97 8.53
N GLY B 55 3.85 22.73 7.37
CA GLY B 55 4.28 23.32 6.12
C GLY B 55 5.61 22.87 5.54
N SER B 56 6.17 21.73 5.97
CA SER B 56 7.49 21.28 5.49
C SER B 56 7.44 20.67 4.09
N TYR B 57 6.64 19.64 3.92
CA TYR B 57 6.35 19.14 2.60
C TYR B 57 5.30 20.00 1.81
N THR B 58 5.49 20.07 0.50
CA THR B 58 4.67 20.82 -0.45
C THR B 58 4.79 20.12 -1.81
N GLU B 59 3.70 20.02 -2.55
CA GLU B 59 3.72 19.26 -3.80
C GLU B 59 2.70 19.88 -4.73
N TYR B 60 3.13 20.20 -5.93
CA TYR B 60 2.28 20.82 -6.92
C TYR B 60 2.17 19.91 -8.14
N ALA B 61 1.04 20.03 -8.83
CA ALA B 61 0.76 19.22 -10.04
C ALA B 61 1.64 19.66 -11.20
N ASP B 62 1.79 18.78 -12.19
CA ASP B 62 2.61 19.09 -13.39
C ASP B 62 2.27 20.44 -14.02
N SER B 63 1.01 20.75 -14.19
CA SER B 63 0.65 21.94 -14.98
C SER B 63 0.87 23.29 -14.25
N VAL B 64 0.98 23.24 -12.93
CA VAL B 64 1.12 24.44 -12.09
C VAL B 64 2.48 24.56 -11.37
N LYS B 65 3.39 23.60 -11.57
CA LYS B 65 4.69 23.63 -10.88
C LYS B 65 5.48 24.82 -11.36
N GLY B 66 6.14 25.48 -10.42
CA GLY B 66 6.96 26.61 -10.75
C GLY B 66 6.19 27.90 -10.66
N ARG B 67 4.96 27.93 -11.18
CA ARG B 67 4.09 29.12 -11.09
C ARG B 67 3.51 29.33 -9.67
N VAL B 68 2.73 28.37 -9.22
CA VAL B 68 2.10 28.49 -7.95
C VAL B 68 2.99 28.02 -6.79
N THR B 69 2.63 28.56 -5.63
CA THR B 69 3.29 28.33 -4.38
C THR B 69 2.23 28.20 -3.27
N ILE B 70 2.30 27.10 -2.55
CA ILE B 70 1.35 26.86 -1.48
C ILE B 70 2.13 27.12 -0.19
N SER B 71 1.40 27.60 0.80
CA SER B 71 1.96 28.17 2.01
C SER B 71 0.84 28.20 3.01
N ARG B 72 1.16 28.15 4.28
CA ARG B 72 0.09 28.18 5.28
C ARG B 72 0.51 29.01 6.47
N ASP B 73 -0.46 29.65 7.12
CA ASP B 73 -0.19 30.41 8.32
C ASP B 73 -0.97 29.75 9.42
N ASN B 74 -0.36 28.78 10.04
CA ASN B 74 -0.97 28.05 11.16
C ASN B 74 -1.34 28.91 12.37
N ALA B 75 -0.70 30.05 12.47
CA ALA B 75 -1.02 30.98 13.50
C ALA B 75 -2.31 31.67 13.23
N LYS B 76 -2.61 31.89 11.96
CA LYS B 76 -3.87 32.50 11.52
C LYS B 76 -4.77 31.54 10.76
N ASN B 77 -4.60 30.25 11.04
CA ASN B 77 -5.33 29.17 10.36
C ASN B 77 -5.78 29.53 8.96
N THR B 78 -4.81 29.53 8.02
CA THR B 78 -5.03 29.83 6.61
C THR B 78 -4.06 29.12 5.71
N VAL B 79 -4.50 28.82 4.50
CA VAL B 79 -3.60 28.27 3.51
C VAL B 79 -3.67 29.07 2.22
N TYR B 80 -2.49 29.41 1.70
CA TYR B 80 -2.39 30.26 0.54
C TYR B 80 -1.91 29.54 -0.68
N LEU B 81 -2.26 30.13 -1.82
CA LEU B 81 -1.89 29.62 -3.13
C LEU B 81 -1.50 30.79 -4.02
N GLN B 82 -0.19 31.08 -3.98
CA GLN B 82 0.36 32.20 -4.73
C GLN B 82 0.70 31.78 -6.16
N MET B 83 -0.33 31.87 -7.02
CA MET B 83 -0.23 31.55 -8.44
C MET B 83 0.32 32.82 -9.13
N ASN B 84 1.18 32.59 -10.13
CA ASN B 84 1.81 33.62 -10.96
C ASN B 84 1.71 33.17 -12.42
N SER B 85 2.22 33.98 -13.35
CA SER B 85 2.25 33.67 -14.79
C SER B 85 1.03 32.88 -15.27
N LEU B 86 -0.14 33.37 -14.90
CA LEU B 86 -1.38 32.64 -15.14
C LEU B 86 -1.72 32.51 -16.65
N LYS B 87 -2.27 31.37 -17.05
CA LYS B 87 -2.69 31.09 -18.46
C LYS B 87 -4.20 30.90 -18.47
N PRO B 88 -4.87 31.15 -19.60
CA PRO B 88 -6.31 30.92 -19.57
C PRO B 88 -6.77 29.46 -19.34
N GLY B 89 -5.85 28.48 -19.35
CA GLY B 89 -6.15 27.10 -18.96
C GLY B 89 -5.98 26.77 -17.48
N ASP B 90 -6.14 27.82 -16.67
CA ASP B 90 -6.18 27.77 -15.20
C ASP B 90 -7.61 27.94 -14.69
N THR B 91 -8.30 28.89 -15.33
CA THR B 91 -9.74 29.15 -15.23
C THR B 91 -10.65 28.01 -14.73
N ALA B 92 -10.93 28.05 -13.44
CA ALA B 92 -11.73 27.03 -12.77
C ALA B 92 -11.93 27.45 -11.33
N VAL B 93 -12.95 26.86 -10.69
CA VAL B 93 -13.23 27.11 -9.27
C VAL B 93 -12.12 26.45 -8.48
N TYR B 94 -11.37 27.17 -7.67
CA TYR B 94 -10.30 26.54 -6.91
C TYR B 94 -10.81 26.16 -5.48
N HIS B 95 -11.27 24.93 -5.25
CA HIS B 95 -11.74 24.52 -3.90
C HIS B 95 -10.53 24.20 -3.05
N CYS B 96 -10.57 24.69 -1.83
CA CYS B 96 -9.57 24.37 -0.88
C CYS B 96 -10.16 23.35 0.07
N ALA B 97 -9.40 22.26 0.26
CA ALA B 97 -9.76 21.12 1.11
C ALA B 97 -8.78 20.85 2.30
N ALA B 98 -9.36 20.18 3.28
CA ALA B 98 -8.68 19.77 4.49
C ALA B 98 -8.84 18.29 4.63
N LYS B 99 -7.91 17.67 5.33
CA LYS B 99 -7.99 16.24 5.59
C LYS B 99 -7.44 16.09 6.97
N ASN B 100 -7.22 14.83 7.36
CA ASN B 100 -6.57 14.56 8.64
C ASN B 100 -5.10 14.20 8.48
N GLY B 101 -4.32 14.57 9.51
CA GLY B 101 -2.91 14.20 9.62
C GLY B 101 -1.99 15.00 8.75
N GLY B 102 -0.74 15.06 9.13
CA GLY B 102 0.20 16.00 8.52
C GLY B 102 0.54 15.74 7.08
N ALA B 103 0.44 14.47 6.71
CA ALA B 103 0.90 14.05 5.42
C ALA B 103 0.03 14.69 4.36
N ALA B 104 0.71 15.31 3.42
CA ALA B 104 0.08 15.97 2.32
C ALA B 104 -0.36 14.91 1.28
N SER B 105 -1.37 15.30 0.49
CA SER B 105 -1.99 14.43 -0.49
C SER B 105 -2.39 15.09 -1.78
N ASN B 106 -2.04 14.36 -2.83
CA ASN B 106 -2.46 14.66 -4.17
C ASN B 106 -3.84 14.04 -4.48
N TYR B 107 -4.36 13.20 -3.58
CA TYR B 107 -5.57 12.41 -3.84
C TYR B 107 -6.73 13.12 -3.26
N PRO B 108 -7.78 13.29 -4.04
CA PRO B 108 -8.88 14.05 -3.55
C PRO B 108 -9.64 13.26 -2.55
N ASN B 109 -9.64 11.94 -2.68
CA ASN B 109 -10.45 11.19 -1.80
C ASN B 109 -9.97 11.23 -0.32
N ASP B 110 -8.67 11.48 -0.11
CA ASP B 110 -8.09 11.68 1.24
C ASP B 110 -8.72 12.83 1.99
N TYR B 111 -9.11 13.82 1.22
CA TYR B 111 -9.62 15.02 1.76
C TYR B 111 -11.10 14.93 2.07
N VAL B 112 -11.42 15.35 3.30
CA VAL B 112 -12.72 15.12 3.95
C VAL B 112 -13.54 16.35 4.09
N TYR B 113 -12.88 17.46 4.35
CA TYR B 113 -13.53 18.74 4.43
C TYR B 113 -13.17 19.45 3.14
N TRP B 114 -14.14 20.07 2.52
CA TRP B 114 -13.89 20.73 1.27
C TRP B 114 -14.62 22.04 1.28
N GLY B 115 -13.99 23.02 0.64
CA GLY B 115 -14.57 24.33 0.49
C GLY B 115 -15.50 24.47 -0.69
N GLN B 116 -16.15 25.63 -0.68
CA GLN B 116 -17.10 25.96 -1.70
C GLN B 116 -16.38 26.25 -2.97
N GLY B 117 -15.26 26.98 -2.82
CA GLY B 117 -14.31 27.27 -3.89
C GLY B 117 -14.50 28.67 -4.43
N THR B 118 -13.41 29.31 -4.88
CA THR B 118 -13.50 30.68 -5.44
C THR B 118 -13.25 30.56 -6.95
N GLN B 119 -14.16 31.19 -7.75
CA GLN B 119 -14.10 31.15 -9.22
C GLN B 119 -12.93 32.02 -9.71
N VAL B 120 -12.04 31.45 -10.54
CA VAL B 120 -10.94 32.18 -11.19
C VAL B 120 -11.13 32.17 -12.72
N THR B 121 -10.95 33.34 -13.36
CA THR B 121 -11.08 33.48 -14.82
C THR B 121 -9.83 34.18 -15.35
N VAL B 122 -8.92 33.40 -15.92
CA VAL B 122 -7.74 33.95 -16.57
C VAL B 122 -8.06 34.09 -18.08
N SER B 123 -7.79 35.28 -18.62
CA SER B 123 -8.19 35.70 -19.96
C SER B 123 -7.01 36.33 -20.69
N SER B 124 -7.25 36.71 -21.94
CA SER B 124 -6.37 37.60 -22.72
C SER B 124 -7.14 38.85 -23.16
N HIS B 125 -8.46 38.74 -23.26
CA HIS B 125 -9.37 39.88 -23.42
C HIS B 125 -10.71 39.31 -22.96
N HIS B 126 -11.43 40.00 -22.08
CA HIS B 126 -12.72 39.46 -21.59
C HIS B 126 -13.91 40.35 -22.01
N HIS B 127 -15.12 39.83 -21.80
CA HIS B 127 -16.39 40.50 -22.12
C HIS B 127 -17.36 40.44 -20.87
N HIS B 128 -17.92 41.59 -20.45
CA HIS B 128 -19.12 41.70 -19.54
C HIS B 128 -19.52 43.18 -19.42
N AIB C . -0.09 -9.43 4.01
CA AIB C . -1.13 -10.04 3.11
C AIB C . -2.15 -11.00 3.68
O AIB C . -3.07 -11.46 2.99
OXT AIB C . -2.06 -11.38 4.87
CB1 AIB C . -1.11 -9.71 1.61
CB2 AIB C . -2.13 -8.87 3.41
ZN ZN D . -14.16 41.94 -27.61
#